data_2WA4
#
_entry.id   2WA4
#
_cell.length_a   87.115
_cell.length_b   87.115
_cell.length_c   150.910
_cell.angle_alpha   90.00
_cell.angle_beta   90.00
_cell.angle_gamma   90.00
#
_symmetry.space_group_name_H-M   'P 41 21 2'
#
loop_
_entity.id
_entity.type
_entity.pdbx_description
1 polymer 'HYPOXIA-INDUCIBLE FACTOR 1-ALPHA INHIBITOR'
2 non-polymer 'FE (II) ION'
3 non-polymer N,3-DIHYDROXYBENZAMIDE
4 non-polymer 'SULFATE ION'
5 water water
#
_entity_poly.entity_id   1
_entity_poly.type   'polypeptide(L)'
_entity_poly.pdbx_seq_one_letter_code
;MAATAAEAVASGSGEPREEAGALGPAWDESQLRSYSFPTRPIPRLSQSDPRAEELIENEEPVVLTDTNLVYPALKWDLEY
LQENIGNGDFSVYSASTHKFLYYDEKKMANFQNFKPRSNREEMKFHEFVEKLQDIQQRGGEERLYLQQTLNDTVGRKIVM
DFLGFNWNWINKQQGKRGWGQLTSNLLLIGMEGNVTPAHYDEQQNFFAQIKGYKRCILFPPDQFECLYPYPVHHPCDRQS
QVDFDNPDYERFPNFQNVVGYETVVGPGDVLYIPMYWWHHIESLLNGGITITVNFWYKGAPTPKRIEYPLKAHQKVAIMR
NIEKMLGEALGNPQEVGPLLNTMIKGRYN
;
_entity_poly.pdbx_strand_id   A
#
loop_
_chem_comp.id
_chem_comp.type
_chem_comp.name
_chem_comp.formula
069 non-polymer N,3-DIHYDROXYBENZAMIDE 'C7 H7 N O3'
FE2 non-polymer 'FE (II) ION' 'Fe 2'
SO4 non-polymer 'SULFATE ION' 'O4 S -2'
#
# COMPACT_ATOMS: atom_id res chain seq x y z
N GLU A 15 -1.51 -7.66 -19.99
CA GLU A 15 -0.34 -8.32 -20.66
C GLU A 15 0.75 -7.28 -21.01
N PRO A 16 2.04 -7.67 -20.92
CA PRO A 16 3.23 -6.79 -20.88
C PRO A 16 3.23 -5.55 -21.81
N ARG A 17 3.83 -4.45 -21.36
CA ARG A 17 3.92 -3.23 -22.21
C ARG A 17 5.29 -3.08 -22.88
N GLU A 18 5.27 -2.75 -24.16
CA GLU A 18 6.48 -2.59 -25.00
C GLU A 18 7.16 -1.21 -24.84
N GLU A 19 8.34 -1.18 -24.22
CA GLU A 19 9.10 0.08 -24.03
C GLU A 19 9.64 0.64 -25.35
N ALA A 20 9.82 1.96 -25.38
CA ALA A 20 10.29 2.63 -26.57
C ALA A 20 11.71 2.17 -26.95
N GLY A 21 12.08 2.40 -28.21
CA GLY A 21 13.39 1.97 -28.75
C GLY A 21 13.60 0.46 -28.91
N ALA A 22 12.50 -0.31 -29.14
CA ALA A 22 12.52 -1.75 -29.46
C ALA A 22 13.15 -2.68 -28.39
N LEU A 23 13.13 -2.22 -27.13
CA LEU A 23 13.89 -2.85 -26.02
C LEU A 23 13.20 -4.07 -25.39
N GLY A 24 12.06 -4.48 -25.97
CA GLY A 24 11.36 -5.71 -25.57
C GLY A 24 10.24 -5.42 -24.58
N PRO A 25 9.47 -6.46 -24.19
CA PRO A 25 8.46 -6.27 -23.14
C PRO A 25 9.04 -5.76 -21.80
N ALA A 26 8.25 -4.91 -21.13
CA ALA A 26 8.62 -4.37 -19.83
C ALA A 26 8.74 -5.51 -18.79
N TRP A 27 7.80 -6.46 -18.82
CA TRP A 27 7.81 -7.62 -17.92
C TRP A 27 7.20 -8.77 -18.70
N ASP A 28 7.24 -9.99 -18.17
CA ASP A 28 6.44 -11.07 -18.75
C ASP A 28 5.68 -11.77 -17.63
N GLU A 29 4.59 -12.45 -18.01
CA GLU A 29 3.62 -12.97 -17.02
C GLU A 29 4.20 -14.04 -16.08
N SER A 30 5.32 -14.67 -16.47
CA SER A 30 6.10 -15.56 -15.56
C SER A 30 6.67 -14.86 -14.32
N GLN A 31 6.68 -13.54 -14.32
CA GLN A 31 7.14 -12.81 -13.14
C GLN A 31 6.01 -12.30 -12.26
N LEU A 32 4.80 -12.85 -12.45
CA LEU A 32 3.67 -12.56 -11.60
C LEU A 32 3.34 -13.86 -10.83
N ARG A 33 2.91 -13.70 -9.59
CA ARG A 33 2.57 -14.80 -8.75
C ARG A 33 1.14 -15.15 -9.03
N SER A 34 0.78 -16.38 -8.69
CA SER A 34 -0.53 -16.93 -8.96
C SER A 34 -1.37 -16.84 -7.73
N TYR A 35 -2.68 -16.62 -7.93
CA TYR A 35 -3.64 -16.46 -6.84
C TYR A 35 -4.95 -17.07 -7.25
N SER A 36 -5.85 -17.23 -6.28
CA SER A 36 -7.02 -18.05 -6.48
C SER A 36 -8.18 -17.29 -7.11
N PHE A 37 -8.05 -16.00 -7.26
CA PHE A 37 -9.21 -15.19 -7.55
C PHE A 37 -8.99 -14.52 -8.90
N PRO A 38 -10.09 -14.19 -9.57
CA PRO A 38 -10.12 -13.45 -10.81
C PRO A 38 -9.88 -11.96 -10.56
N THR A 39 -9.34 -11.27 -11.57
CA THR A 39 -9.10 -9.82 -11.60
C THR A 39 -9.44 -9.25 -12.99
N ARG A 40 -9.68 -7.95 -13.02
CA ARG A 40 -9.88 -7.17 -14.23
C ARG A 40 -8.97 -5.92 -14.13
N PRO A 41 -8.66 -5.27 -15.27
CA PRO A 41 -7.65 -4.22 -15.27
C PRO A 41 -8.16 -2.91 -14.81
N ILE A 42 -7.29 -2.17 -14.18
CA ILE A 42 -7.49 -0.78 -13.91
C ILE A 42 -7.15 -0.02 -15.19
N PRO A 43 -7.99 0.98 -15.53
CA PRO A 43 -7.80 1.81 -16.71
C PRO A 43 -6.54 2.62 -16.63
N ARG A 44 -5.74 2.63 -17.70
CA ARG A 44 -4.62 3.62 -17.86
C ARG A 44 -5.05 4.83 -18.71
N LEU A 45 -4.85 6.03 -18.24
CA LEU A 45 -5.37 7.16 -18.98
C LEU A 45 -4.38 8.31 -18.82
N SER A 46 -4.64 9.35 -19.60
CA SER A 46 -3.97 10.61 -19.48
C SER A 46 -4.61 11.51 -18.39
N GLN A 47 -3.74 12.09 -17.57
CA GLN A 47 -4.08 13.24 -16.75
C GLN A 47 -5.12 14.22 -17.39
N SER A 48 -5.13 14.38 -18.72
CA SER A 48 -6.05 15.33 -19.38
C SER A 48 -7.35 14.68 -19.87
N ASP A 49 -7.43 13.37 -19.81
CA ASP A 49 -8.65 12.63 -20.20
C ASP A 49 -9.79 12.85 -19.18
N PRO A 50 -10.94 13.35 -19.64
CA PRO A 50 -12.01 13.63 -18.69
C PRO A 50 -12.44 12.40 -17.92
N ARG A 51 -12.35 11.22 -18.54
CA ARG A 51 -12.65 9.98 -17.88
C ARG A 51 -11.75 9.77 -16.66
N ALA A 52 -10.54 10.31 -16.70
CA ALA A 52 -9.65 10.19 -15.56
C ALA A 52 -10.27 10.92 -14.40
N GLU A 53 -10.64 12.17 -14.60
CA GLU A 53 -11.18 13.03 -13.53
C GLU A 53 -12.51 12.52 -13.06
N GLU A 54 -13.22 11.79 -13.91
CA GLU A 54 -14.50 11.20 -13.59
C GLU A 54 -14.35 9.94 -12.68
N LEU A 55 -13.26 9.19 -12.85
CA LEU A 55 -12.94 8.06 -11.98
C LEU A 55 -12.52 8.54 -10.59
N ILE A 56 -11.56 9.45 -10.53
CA ILE A 56 -11.12 9.98 -9.21
C ILE A 56 -12.31 10.53 -8.41
N GLU A 57 -13.20 11.21 -9.11
CA GLU A 57 -14.32 11.95 -8.58
C GLU A 57 -15.32 11.01 -7.90
N ASN A 58 -15.48 9.84 -8.51
CA ASN A 58 -16.25 8.74 -7.98
C ASN A 58 -15.38 7.81 -7.13
N GLU A 59 -14.19 8.21 -6.71
CA GLU A 59 -13.43 7.30 -5.84
C GLU A 59 -13.28 5.90 -6.45
N GLU A 60 -12.84 5.87 -7.68
CA GLU A 60 -12.43 4.64 -8.33
C GLU A 60 -11.02 4.78 -8.80
N PRO A 61 -10.27 3.69 -8.78
CA PRO A 61 -8.87 3.74 -9.11
C PRO A 61 -8.60 4.05 -10.60
N VAL A 62 -7.51 4.71 -10.94
CA VAL A 62 -7.16 4.89 -12.33
C VAL A 62 -5.66 4.99 -12.35
N VAL A 63 -5.02 4.55 -13.41
CA VAL A 63 -3.61 4.83 -13.54
C VAL A 63 -3.38 6.04 -14.49
N LEU A 64 -2.69 7.09 -14.02
CA LEU A 64 -2.43 8.31 -14.84
C LEU A 64 -1.04 8.17 -15.40
N THR A 65 -0.84 8.31 -16.70
CA THR A 65 0.45 7.91 -17.33
C THR A 65 1.44 9.05 -17.57
N ASP A 66 0.98 10.28 -17.40
CA ASP A 66 1.77 11.46 -17.86
C ASP A 66 1.59 12.71 -16.93
N THR A 67 1.58 12.50 -15.62
CA THR A 67 1.50 13.61 -14.68
C THR A 67 2.81 14.28 -14.55
N ASN A 68 3.89 13.58 -14.84
CA ASN A 68 5.25 14.06 -14.54
C ASN A 68 5.42 14.34 -13.07
N LEU A 69 4.65 13.63 -12.24
CA LEU A 69 4.66 13.93 -10.82
C LEU A 69 6.05 13.83 -10.22
N VAL A 70 6.78 12.78 -10.60
CA VAL A 70 8.09 12.50 -10.00
C VAL A 70 9.18 12.59 -11.02
N TYR A 71 9.02 13.47 -12.00
CA TYR A 71 9.92 13.48 -13.12
C TYR A 71 11.41 13.43 -12.71
N PRO A 72 11.84 14.34 -11.82
CA PRO A 72 13.26 14.37 -11.61
C PRO A 72 13.80 13.17 -10.83
N ALA A 73 12.91 12.32 -10.30
CA ALA A 73 13.32 11.15 -9.54
C ALA A 73 13.53 9.92 -10.43
N LEU A 74 13.25 10.06 -11.72
CA LEU A 74 13.39 8.93 -12.62
C LEU A 74 14.87 8.50 -12.73
N LYS A 75 15.80 9.44 -12.64
CA LYS A 75 17.21 9.08 -12.50
C LYS A 75 17.59 8.36 -11.20
N TRP A 76 16.73 8.27 -10.19
CA TRP A 76 17.19 7.67 -8.95
C TRP A 76 17.52 6.22 -9.16
N ASP A 77 18.71 5.81 -8.76
CA ASP A 77 18.98 4.41 -8.46
C ASP A 77 19.88 4.38 -7.21
N LEU A 78 20.34 3.19 -6.81
CA LEU A 78 21.17 3.08 -5.59
C LEU A 78 22.45 3.92 -5.60
N GLU A 79 23.23 3.88 -6.67
CA GLU A 79 24.45 4.68 -6.71
C GLU A 79 24.11 6.15 -6.49
N TYR A 80 23.30 6.70 -7.37
CA TYR A 80 22.89 8.09 -7.28
C TYR A 80 22.36 8.46 -5.89
N LEU A 81 21.73 7.54 -5.17
CA LEU A 81 21.19 7.85 -3.84
C LEU A 81 22.27 7.78 -2.73
N GLN A 82 23.14 6.77 -2.81
CA GLN A 82 24.25 6.58 -1.85
C GLN A 82 25.08 7.83 -1.91
N GLU A 83 25.43 8.19 -3.13
CA GLU A 83 26.21 9.37 -3.47
C GLU A 83 25.60 10.71 -3.03
N ASN A 84 24.27 10.81 -2.92
CA ASN A 84 23.63 12.12 -2.65
C ASN A 84 22.66 12.21 -1.46
N ILE A 85 22.25 11.10 -0.86
CA ILE A 85 21.12 11.19 0.07
C ILE A 85 21.51 11.63 1.46
N GLY A 86 22.81 11.56 1.73
CA GLY A 86 23.39 12.12 2.95
C GLY A 86 23.27 11.17 4.11
N ASN A 87 24.30 11.17 4.95
CA ASN A 87 24.49 10.16 6.01
C ASN A 87 23.60 10.29 7.28
N GLY A 88 22.31 10.58 7.12
CA GLY A 88 21.34 10.35 8.18
C GLY A 88 21.05 8.85 8.27
N ASP A 89 20.19 8.46 9.20
CA ASP A 89 19.86 7.05 9.39
C ASP A 89 18.50 6.73 8.75
N PHE A 90 18.33 5.50 8.28
CA PHE A 90 17.11 5.16 7.54
C PHE A 90 16.51 3.89 8.06
N SER A 91 15.19 3.87 8.17
CA SER A 91 14.47 2.74 8.66
C SER A 91 14.41 1.66 7.60
N VAL A 92 15.08 0.53 7.85
CA VAL A 92 15.02 -0.65 6.98
C VAL A 92 14.32 -1.85 7.63
N TYR A 93 13.27 -2.35 6.97
CA TYR A 93 12.49 -3.46 7.47
C TYR A 93 12.94 -4.74 6.81
N SER A 94 12.87 -5.81 7.58
CA SER A 94 13.24 -7.12 7.11
C SER A 94 12.12 -8.14 7.33
N ALA A 95 11.90 -9.01 6.34
CA ALA A 95 11.05 -10.19 6.47
C ALA A 95 11.84 -11.47 6.07
N SER A 96 11.48 -12.64 6.61
CA SER A 96 12.22 -13.89 6.32
C SER A 96 11.70 -14.60 5.06
N THR A 97 10.39 -14.61 4.87
CA THR A 97 9.81 -14.96 3.57
C THR A 97 9.68 -13.70 2.68
N HIS A 98 8.93 -13.81 1.60
CA HIS A 98 8.64 -12.68 0.74
C HIS A 98 7.59 -11.72 1.33
N LYS A 99 6.82 -12.21 2.31
CA LYS A 99 5.73 -11.42 2.90
C LYS A 99 6.21 -10.57 4.02
N PHE A 100 6.01 -9.26 3.88
CA PHE A 100 6.25 -8.31 4.95
C PHE A 100 5.01 -8.18 5.84
N LEU A 101 5.11 -8.70 7.06
CA LEU A 101 4.01 -8.59 8.03
C LEU A 101 4.27 -7.34 8.86
N TYR A 102 3.39 -6.34 8.81
CA TYR A 102 3.58 -5.13 9.61
C TYR A 102 2.67 -5.06 10.83
N TYR A 103 3.06 -4.32 11.85
CA TYR A 103 2.29 -4.29 13.07
C TYR A 103 2.45 -3.00 13.83
N ASP A 104 1.36 -2.54 14.43
CA ASP A 104 1.34 -1.38 15.25
C ASP A 104 1.79 -1.73 16.69
N GLU A 105 2.93 -1.18 17.06
CA GLU A 105 3.61 -1.54 18.31
C GLU A 105 2.75 -1.10 19.49
N LYS A 106 2.15 0.09 19.38
CA LYS A 106 1.19 0.57 20.38
C LYS A 106 0.10 -0.41 20.77
N LYS A 107 -0.35 -1.25 19.83
CA LYS A 107 -1.47 -2.17 20.08
C LYS A 107 -1.08 -3.54 20.63
N MET A 108 0.20 -3.75 20.96
CA MET A 108 0.70 -5.06 21.42
C MET A 108 0.34 -5.41 22.87
N ALA A 109 0.27 -4.40 23.72
CA ALA A 109 -0.35 -4.54 25.04
C ALA A 109 -1.60 -5.46 24.97
N ASN A 110 -2.62 -5.00 24.25
CA ASN A 110 -3.88 -5.75 23.99
C ASN A 110 -3.74 -7.26 23.69
N PHE A 111 -2.70 -7.67 22.98
CA PHE A 111 -2.58 -9.08 22.51
C PHE A 111 -1.18 -9.67 22.74
N GLN A 112 -0.94 -10.26 23.92
CA GLN A 112 0.43 -10.66 24.32
C GLN A 112 0.92 -11.95 23.67
N ASN A 113 -0.01 -12.73 23.08
CA ASN A 113 0.37 -13.85 22.23
C ASN A 113 0.80 -13.44 20.82
N PHE A 114 0.83 -12.14 20.56
CA PHE A 114 1.41 -11.64 19.33
C PHE A 114 2.89 -11.44 19.55
N LYS A 115 3.70 -12.12 18.76
CA LYS A 115 5.13 -11.94 18.81
C LYS A 115 5.53 -11.27 17.53
N PRO A 116 6.40 -10.27 17.62
CA PRO A 116 6.89 -9.65 16.40
C PRO A 116 7.24 -10.70 15.32
N ARG A 117 6.85 -10.44 14.06
CA ARG A 117 7.25 -11.25 12.88
C ARG A 117 8.32 -10.55 11.99
N SER A 118 7.98 -9.41 11.38
CA SER A 118 8.98 -8.57 10.70
C SER A 118 9.53 -7.54 11.70
N ASN A 119 10.62 -6.87 11.35
CA ASN A 119 11.26 -5.97 12.29
C ASN A 119 12.22 -5.01 11.61
N ARG A 120 12.45 -3.93 12.34
CA ARG A 120 13.03 -2.73 11.81
C ARG A 120 14.47 -2.61 12.29
N GLU A 121 15.36 -2.19 11.41
CA GLU A 121 16.72 -1.80 11.79
C GLU A 121 16.97 -0.36 11.32
N GLU A 122 17.76 0.42 12.06
CA GLU A 122 18.25 1.71 11.55
C GLU A 122 19.60 1.48 10.91
N MET A 123 19.95 2.31 9.92
CA MET A 123 21.29 2.25 9.33
C MET A 123 21.53 3.40 8.39
N LYS A 124 22.81 3.70 8.19
CA LYS A 124 23.19 4.56 7.10
C LYS A 124 22.78 3.86 5.80
N PHE A 125 22.61 4.65 4.77
CA PHE A 125 22.15 4.16 3.49
C PHE A 125 23.08 3.16 2.83
N HIS A 126 24.37 3.46 2.83
CA HIS A 126 25.36 2.58 2.21
C HIS A 126 25.38 1.23 2.94
N GLU A 127 25.09 1.25 4.24
CA GLU A 127 24.99 -0.01 5.00
C GLU A 127 23.83 -0.85 4.48
N PHE A 128 22.65 -0.22 4.36
CA PHE A 128 21.50 -0.85 3.71
C PHE A 128 21.90 -1.40 2.33
N VAL A 129 22.57 -0.58 1.52
CA VAL A 129 22.94 -1.01 0.18
C VAL A 129 23.84 -2.22 0.28
N GLU A 130 24.86 -2.12 1.12
CA GLU A 130 25.79 -3.24 1.35
C GLU A 130 25.02 -4.51 1.69
N LYS A 131 24.14 -4.41 2.69
CA LYS A 131 23.36 -5.57 3.17
C LYS A 131 22.37 -6.10 2.14
N LEU A 132 21.97 -5.24 1.22
CA LEU A 132 21.11 -5.63 0.12
C LEU A 132 21.89 -6.55 -0.83
N GLN A 133 22.91 -6.00 -1.49
CA GLN A 133 23.62 -6.71 -2.56
C GLN A 133 24.20 -8.02 -2.05
N ASP A 134 24.61 -8.00 -0.79
CA ASP A 134 24.98 -9.20 -0.05
C ASP A 134 23.93 -10.33 -0.23
N ILE A 135 22.70 -10.10 0.24
CA ILE A 135 21.60 -11.07 0.10
C ILE A 135 21.44 -11.65 -1.30
N GLN A 136 21.62 -10.81 -2.31
CA GLN A 136 21.29 -11.14 -3.72
C GLN A 136 22.13 -12.30 -4.20
N GLN A 137 23.40 -12.04 -4.46
CA GLN A 137 24.30 -13.06 -4.99
C GLN A 137 24.77 -14.07 -3.90
N ARG A 138 23.85 -14.46 -3.01
CA ARG A 138 24.01 -15.65 -2.15
C ARG A 138 22.68 -16.35 -1.90
N GLY A 139 21.69 -16.12 -2.78
CA GLY A 139 20.36 -16.75 -2.71
C GLY A 139 19.50 -16.45 -1.49
N GLY A 140 19.99 -15.62 -0.58
CA GLY A 140 19.39 -15.44 0.74
C GLY A 140 17.91 -15.22 0.61
N GLU A 141 17.14 -15.86 1.48
CA GLU A 141 15.69 -15.73 1.39
C GLU A 141 15.19 -14.43 2.02
N GLU A 142 16.10 -13.73 2.68
CA GLU A 142 15.78 -12.50 3.35
C GLU A 142 15.41 -11.47 2.29
N ARG A 143 14.51 -10.57 2.67
CA ARG A 143 14.00 -9.50 1.81
C ARG A 143 13.95 -8.21 2.63
N LEU A 144 14.19 -7.07 1.99
CA LEU A 144 14.21 -5.77 2.69
C LEU A 144 13.33 -4.73 2.03
N TYR A 145 12.86 -3.78 2.83
CA TYR A 145 12.16 -2.58 2.33
C TYR A 145 12.74 -1.41 3.09
N LEU A 146 13.15 -0.34 2.41
CA LEU A 146 13.53 0.93 3.07
C LEU A 146 12.38 1.95 3.06
N GLN A 147 12.20 2.71 4.15
CA GLN A 147 11.12 3.69 4.20
C GLN A 147 11.57 5.03 4.79
N GLN A 148 11.38 6.10 4.02
CA GLN A 148 11.79 7.41 4.42
C GLN A 148 10.83 8.48 3.93
N THR A 149 10.39 9.32 4.86
CA THR A 149 9.63 10.50 4.53
C THR A 149 10.57 11.46 3.82
N LEU A 150 10.09 12.16 2.80
CA LEU A 150 10.95 13.09 2.10
C LEU A 150 10.80 14.44 2.76
N ASN A 151 11.92 15.06 3.14
CA ASN A 151 11.89 16.39 3.78
C ASN A 151 13.27 17.10 3.72
N ASP A 152 13.44 18.21 4.44
CA ASP A 152 14.77 18.90 4.52
C ASP A 152 15.90 18.11 5.25
N THR A 153 15.53 17.16 6.10
CA THR A 153 16.50 16.29 6.74
C THR A 153 17.28 15.34 5.79
N VAL A 154 17.15 15.45 4.47
CA VAL A 154 17.87 14.54 3.53
C VAL A 154 18.78 15.40 2.67
N GLY A 155 19.74 14.77 1.99
CA GLY A 155 20.82 15.49 1.31
C GLY A 155 20.36 16.46 0.23
N ARG A 156 21.12 17.55 0.06
CA ARG A 156 20.74 18.69 -0.77
C ARG A 156 20.24 18.34 -2.18
N LYS A 157 20.97 17.54 -2.95
CA LYS A 157 20.53 17.20 -4.31
C LYS A 157 19.15 16.52 -4.31
N ILE A 158 18.93 15.58 -3.39
CA ILE A 158 17.66 14.90 -3.29
C ILE A 158 16.55 15.90 -2.97
N VAL A 159 16.84 16.89 -2.16
CA VAL A 159 15.89 17.97 -1.88
C VAL A 159 15.57 18.78 -3.16
N MET A 160 16.58 19.07 -4.00
CA MET A 160 16.37 19.70 -5.33
C MET A 160 15.46 18.83 -6.20
N ASP A 161 15.75 17.54 -6.27
CA ASP A 161 14.91 16.60 -6.97
C ASP A 161 13.42 16.63 -6.48
N PHE A 162 13.24 16.53 -5.16
CA PHE A 162 11.93 16.57 -4.50
C PHE A 162 11.22 17.92 -4.78
N LEU A 163 11.97 18.99 -4.88
CA LEU A 163 11.37 20.32 -5.12
C LEU A 163 10.81 20.43 -6.57
N GLY A 164 11.41 19.66 -7.48
CA GLY A 164 10.93 19.65 -8.85
C GLY A 164 9.83 18.66 -9.16
N PHE A 165 9.28 17.99 -8.17
CA PHE A 165 8.11 17.22 -8.42
C PHE A 165 7.00 18.14 -8.93
N ASN A 166 5.90 17.56 -9.47
CA ASN A 166 4.82 18.39 -10.02
C ASN A 166 3.82 18.83 -8.96
N TRP A 167 4.29 19.76 -8.13
CA TRP A 167 3.49 20.28 -7.03
C TRP A 167 2.22 20.94 -7.51
N ASN A 168 2.33 21.67 -8.60
CA ASN A 168 1.18 22.27 -9.25
C ASN A 168 0.09 21.25 -9.62
N TRP A 169 0.50 20.09 -10.16
CA TRP A 169 -0.48 19.01 -10.42
C TRP A 169 -1.10 18.53 -9.12
N ILE A 170 -0.21 18.36 -8.15
CA ILE A 170 -0.61 17.67 -6.96
C ILE A 170 -1.42 18.54 -6.03
N ASN A 171 -1.10 19.83 -5.93
CA ASN A 171 -1.99 20.81 -5.28
C ASN A 171 -3.35 21.01 -5.97
N LYS A 172 -3.40 21.08 -7.30
CA LYS A 172 -4.68 21.18 -7.97
C LYS A 172 -5.59 20.03 -7.55
N GLN A 173 -5.07 18.81 -7.48
CA GLN A 173 -5.94 17.68 -7.07
C GLN A 173 -6.50 17.82 -5.64
N GLN A 174 -5.65 18.21 -4.70
CA GLN A 174 -6.02 18.53 -3.32
C GLN A 174 -7.24 19.47 -3.25
N GLY A 175 -7.19 20.62 -3.95
CA GLY A 175 -8.32 21.55 -4.04
C GLY A 175 -9.57 20.98 -4.70
N LYS A 176 -9.45 20.61 -6.00
CA LYS A 176 -10.53 20.02 -6.84
C LYS A 176 -11.46 19.04 -6.10
N ARG A 177 -10.86 18.05 -5.43
CA ARG A 177 -11.61 16.97 -4.82
C ARG A 177 -12.19 17.38 -3.50
N GLY A 178 -11.70 18.51 -3.01
CA GLY A 178 -12.09 19.02 -1.71
C GLY A 178 -11.47 18.24 -0.60
N TRP A 179 -10.30 17.66 -0.86
CA TRP A 179 -9.54 16.95 0.15
C TRP A 179 -8.90 17.92 1.13
N GLY A 180 -8.42 17.39 2.25
CA GLY A 180 -7.57 18.13 3.16
C GLY A 180 -6.18 18.19 2.59
N GLN A 181 -5.20 18.54 3.42
CA GLN A 181 -3.83 18.73 2.89
C GLN A 181 -3.02 17.41 2.85
N LEU A 182 -1.90 17.48 2.15
CA LEU A 182 -0.93 16.40 2.10
C LEU A 182 -0.65 16.06 3.54
N THR A 183 -0.87 14.84 3.98
CA THR A 183 -0.62 14.54 5.39
C THR A 183 0.76 13.95 5.51
N SER A 184 1.27 13.37 4.44
CA SER A 184 2.60 12.82 4.45
C SER A 184 2.91 12.28 3.10
N ASN A 185 4.12 11.78 2.98
CA ASN A 185 4.58 11.15 1.78
C ASN A 185 5.65 10.19 2.23
N LEU A 186 6.02 9.25 1.38
CA LEU A 186 6.91 8.21 1.82
C LEU A 186 7.62 7.58 0.62
N LEU A 187 8.94 7.48 0.72
CA LEU A 187 9.78 6.81 -0.28
C LEU A 187 9.99 5.38 0.12
N LEU A 188 9.71 4.44 -0.77
CA LEU A 188 9.90 3.01 -0.51
C LEU A 188 10.85 2.43 -1.55
N ILE A 189 11.84 1.65 -1.10
CA ILE A 189 12.77 0.98 -1.98
C ILE A 189 12.72 -0.48 -1.66
N GLY A 190 12.43 -1.30 -2.68
CA GLY A 190 12.23 -2.72 -2.46
C GLY A 190 13.06 -3.63 -3.35
N MET A 191 12.97 -4.92 -3.06
CA MET A 191 13.68 -5.97 -3.72
C MET A 191 12.65 -6.81 -4.44
N GLU A 192 13.06 -7.36 -5.56
CA GLU A 192 12.24 -8.28 -6.34
C GLU A 192 11.67 -9.43 -5.50
N GLY A 193 10.42 -9.77 -5.74
CA GLY A 193 9.76 -10.82 -4.98
C GLY A 193 8.97 -10.26 -3.79
N ASN A 194 9.25 -9.03 -3.35
CA ASN A 194 8.56 -8.45 -2.16
C ASN A 194 7.05 -8.39 -2.32
N VAL A 195 6.33 -8.84 -1.28
CA VAL A 195 4.90 -8.66 -1.18
C VAL A 195 4.53 -7.84 0.07
N THR A 196 3.66 -6.83 -0.08
CA THR A 196 2.99 -6.14 1.04
C THR A 196 1.58 -6.65 0.95
N PRO A 197 1.14 -7.47 1.91
CA PRO A 197 -0.20 -8.08 1.81
C PRO A 197 -1.37 -7.13 2.03
N ALA A 198 -2.55 -7.61 1.72
CA ALA A 198 -3.70 -6.77 1.52
C ALA A 198 -4.02 -6.02 2.77
N HIS A 199 -4.14 -4.69 2.65
CA HIS A 199 -4.61 -3.83 3.74
C HIS A 199 -5.36 -2.64 3.17
N TYR A 200 -6.04 -1.86 4.03
CA TYR A 200 -6.63 -0.63 3.58
C TYR A 200 -6.17 0.58 4.40
N ASP A 201 -6.28 1.77 3.82
CA ASP A 201 -5.93 3.00 4.51
C ASP A 201 -7.14 3.93 4.49
N GLU A 202 -7.22 4.81 5.47
CA GLU A 202 -8.36 5.72 5.65
C GLU A 202 -8.19 7.03 4.83
N GLN A 203 -6.97 7.24 4.32
CA GLN A 203 -6.63 8.35 3.47
C GLN A 203 -6.62 8.02 1.95
N GLN A 204 -6.73 9.06 1.14
CA GLN A 204 -6.64 8.99 -0.32
C GLN A 204 -5.15 8.96 -0.67
N ASN A 205 -4.73 8.08 -1.60
CA ASN A 205 -3.32 7.80 -1.90
C ASN A 205 -2.94 7.91 -3.40
N PHE A 206 -1.97 8.77 -3.75
CA PHE A 206 -1.36 8.66 -5.10
C PHE A 206 -0.06 7.93 -4.98
N PHE A 207 0.08 6.86 -5.73
CA PHE A 207 1.20 5.94 -5.64
C PHE A 207 2.00 6.21 -6.92
N ALA A 208 3.18 6.82 -6.79
CA ALA A 208 3.96 7.34 -7.87
C ALA A 208 5.16 6.41 -8.11
N GLN A 209 5.10 5.56 -9.15
CA GLN A 209 6.23 4.66 -9.42
C GLN A 209 7.41 5.37 -10.08
N ILE A 210 8.61 4.97 -9.64
CA ILE A 210 9.83 5.66 -10.01
C ILE A 210 10.78 4.70 -10.71
N LYS A 211 11.10 3.56 -10.11
CA LYS A 211 11.98 2.60 -10.73
C LYS A 211 11.48 1.19 -10.51
N GLY A 212 11.63 0.35 -11.53
CA GLY A 212 11.08 -0.99 -11.51
C GLY A 212 9.56 -0.97 -11.68
N TYR A 213 8.97 -2.15 -11.63
CA TYR A 213 7.57 -2.43 -11.85
C TYR A 213 6.94 -3.04 -10.62
N LYS A 214 5.75 -2.53 -10.24
CA LYS A 214 4.95 -3.08 -9.14
C LYS A 214 3.60 -3.53 -9.56
N ARG A 215 3.23 -4.71 -9.12
CA ARG A 215 1.91 -5.25 -9.37
C ARG A 215 1.02 -4.94 -8.18
N CYS A 216 -0.10 -4.26 -8.44
CA CYS A 216 -1.05 -3.74 -7.47
C CYS A 216 -2.41 -4.39 -7.69
N ILE A 217 -2.91 -5.17 -6.71
CA ILE A 217 -4.23 -5.74 -6.77
C ILE A 217 -5.10 -4.94 -5.79
N LEU A 218 -6.27 -4.48 -6.21
CA LEU A 218 -7.12 -3.62 -5.41
C LEU A 218 -8.48 -4.29 -5.24
N PHE A 219 -9.19 -4.04 -4.13
CA PHE A 219 -10.52 -4.57 -3.94
C PHE A 219 -11.31 -3.50 -3.33
N PRO A 220 -12.53 -3.28 -3.77
CA PRO A 220 -13.20 -2.16 -3.15
C PRO A 220 -13.69 -2.42 -1.71
N PRO A 221 -14.12 -1.33 -1.03
CA PRO A 221 -14.67 -1.35 0.27
C PRO A 221 -15.78 -2.36 0.46
N ASP A 222 -16.58 -2.63 -0.57
CA ASP A 222 -17.71 -3.56 -0.34
C ASP A 222 -17.29 -5.03 -0.28
N GLN A 223 -16.01 -5.33 -0.41
CA GLN A 223 -15.53 -6.67 -0.24
C GLN A 223 -14.97 -6.92 1.17
N PHE A 224 -15.28 -6.03 2.10
CA PHE A 224 -14.97 -6.24 3.53
C PHE A 224 -15.26 -7.68 3.96
N GLU A 225 -16.43 -8.19 3.56
CA GLU A 225 -16.90 -9.52 3.99
C GLU A 225 -16.15 -10.66 3.47
N CYS A 226 -15.44 -10.45 2.38
CA CYS A 226 -14.60 -11.47 1.76
C CYS A 226 -13.18 -11.49 2.25
N LEU A 227 -12.82 -10.39 2.87
CA LEU A 227 -11.45 -10.13 3.15
C LEU A 227 -11.01 -10.21 4.61
N TYR A 228 -11.95 -10.14 5.54
CA TYR A 228 -11.75 -10.58 6.94
C TYR A 228 -10.55 -9.86 7.67
N PRO A 229 -10.69 -8.52 7.83
CA PRO A 229 -9.67 -7.74 8.53
C PRO A 229 -9.52 -8.21 9.98
N TYR A 230 -8.31 -8.15 10.52
CA TYR A 230 -8.09 -8.32 11.96
C TYR A 230 -9.01 -7.40 12.77
N PRO A 231 -9.28 -7.74 14.04
CA PRO A 231 -10.03 -6.83 14.88
C PRO A 231 -9.28 -5.53 15.03
N VAL A 232 -10.03 -4.46 15.27
CA VAL A 232 -9.53 -3.13 15.34
C VAL A 232 -8.43 -2.93 16.39
N HIS A 233 -8.55 -3.58 17.56
CA HIS A 233 -7.51 -3.53 18.62
C HIS A 233 -6.27 -4.41 18.42
N HIS A 234 -6.28 -5.27 17.40
CA HIS A 234 -5.15 -6.12 17.06
C HIS A 234 -4.01 -5.36 16.39
N PRO A 235 -2.80 -5.74 16.66
CA PRO A 235 -1.79 -4.92 16.01
C PRO A 235 -1.83 -4.87 14.43
N CYS A 236 -2.53 -5.81 13.80
CA CYS A 236 -2.60 -5.82 12.37
C CYS A 236 -3.93 -5.29 11.90
N ASP A 237 -4.60 -4.51 12.71
CA ASP A 237 -5.69 -3.72 12.26
C ASP A 237 -5.52 -3.21 10.81
N ARG A 238 -6.55 -3.43 9.98
CA ARG A 238 -6.62 -2.97 8.59
C ARG A 238 -5.93 -3.88 7.56
N GLN A 239 -5.31 -4.96 8.02
CA GLN A 239 -4.75 -5.98 7.15
C GLN A 239 -5.77 -7.12 7.16
N SER A 240 -5.63 -8.01 6.19
CA SER A 240 -6.50 -9.10 5.97
C SER A 240 -5.93 -10.29 6.71
N GLN A 241 -6.83 -11.10 7.28
CA GLN A 241 -6.44 -12.34 7.88
C GLN A 241 -6.14 -13.40 6.86
N VAL A 242 -6.62 -13.25 5.64
CA VAL A 242 -6.46 -14.35 4.69
C VAL A 242 -5.06 -14.38 4.15
N ASP A 243 -4.34 -15.48 4.29
CA ASP A 243 -3.09 -15.72 3.57
C ASP A 243 -3.39 -16.08 2.11
N PHE A 244 -3.15 -15.13 1.24
CA PHE A 244 -3.46 -15.27 -0.22
C PHE A 244 -2.81 -16.47 -0.89
N ASP A 245 -1.61 -16.82 -0.43
CA ASP A 245 -0.85 -17.94 -0.93
C ASP A 245 -1.39 -19.26 -0.45
N ASN A 246 -2.26 -19.27 0.56
CA ASN A 246 -2.83 -20.52 1.08
C ASN A 246 -4.11 -20.26 1.89
N PRO A 247 -5.20 -19.87 1.21
CA PRO A 247 -6.42 -19.50 1.87
C PRO A 247 -7.14 -20.65 2.52
N ASP A 248 -7.50 -20.43 3.80
CA ASP A 248 -8.35 -21.25 4.61
C ASP A 248 -9.83 -20.91 4.38
N TYR A 249 -10.33 -21.62 3.40
CA TYR A 249 -11.76 -21.60 3.07
C TYR A 249 -12.67 -22.03 4.15
N GLU A 250 -12.17 -22.74 5.16
CA GLU A 250 -13.07 -23.07 6.30
C GLU A 250 -13.35 -21.88 7.16
N ARG A 251 -12.32 -21.08 7.49
CA ARG A 251 -12.54 -19.93 8.40
C ARG A 251 -12.98 -18.70 7.61
N PHE A 252 -12.58 -18.61 6.33
CA PHE A 252 -12.83 -17.44 5.49
C PHE A 252 -13.65 -17.82 4.25
N PRO A 253 -14.79 -18.40 4.49
CA PRO A 253 -15.41 -19.06 3.29
C PRO A 253 -15.65 -18.07 2.12
N ASN A 254 -15.99 -16.80 2.40
CA ASN A 254 -16.25 -15.88 1.30
C ASN A 254 -15.02 -15.34 0.60
N PHE A 255 -13.84 -15.78 0.97
CA PHE A 255 -12.68 -15.33 0.20
C PHE A 255 -12.76 -15.97 -1.21
N GLN A 256 -13.43 -17.09 -1.29
CA GLN A 256 -13.89 -17.71 -2.54
C GLN A 256 -14.67 -16.81 -3.50
N ASN A 257 -15.30 -15.74 -3.00
CA ASN A 257 -16.07 -14.86 -3.85
C ASN A 257 -15.35 -13.53 -4.16
N VAL A 258 -14.04 -13.48 -3.94
CA VAL A 258 -13.37 -12.18 -4.03
C VAL A 258 -13.01 -11.89 -5.49
N VAL A 259 -13.20 -10.65 -5.91
CA VAL A 259 -12.80 -10.23 -7.24
C VAL A 259 -12.02 -8.96 -7.10
N GLY A 260 -10.88 -8.88 -7.75
CA GLY A 260 -10.03 -7.72 -7.67
C GLY A 260 -9.78 -6.93 -8.96
N TYR A 261 -9.10 -5.82 -8.80
CA TYR A 261 -8.78 -4.97 -9.90
C TYR A 261 -7.27 -4.90 -9.94
N GLU A 262 -6.65 -4.98 -11.10
CA GLU A 262 -5.23 -5.16 -11.08
C GLU A 262 -4.56 -4.38 -12.15
N THR A 263 -3.31 -4.05 -11.90
CA THR A 263 -2.48 -3.36 -12.85
C THR A 263 -1.01 -3.47 -12.50
N VAL A 264 -0.17 -3.24 -13.49
CA VAL A 264 1.25 -3.18 -13.24
C VAL A 264 1.80 -1.79 -13.54
N VAL A 265 2.23 -1.09 -12.50
CA VAL A 265 2.72 0.24 -12.69
C VAL A 265 4.23 0.18 -12.91
N GLY A 266 4.74 1.09 -13.76
CA GLY A 266 6.16 1.27 -14.00
C GLY A 266 6.59 2.72 -13.89
N PRO A 267 7.86 2.99 -14.17
CA PRO A 267 8.29 4.38 -13.98
C PRO A 267 7.43 5.40 -14.68
N GLY A 268 7.15 6.51 -13.99
CA GLY A 268 6.29 7.64 -14.43
C GLY A 268 4.81 7.41 -14.29
N ASP A 269 4.40 6.19 -13.93
CA ASP A 269 2.94 5.98 -13.69
C ASP A 269 2.54 6.40 -12.28
N VAL A 270 1.31 6.92 -12.16
CA VAL A 270 0.73 7.25 -10.88
C VAL A 270 -0.57 6.50 -10.68
N LEU A 271 -0.66 5.64 -9.66
CA LEU A 271 -1.91 4.91 -9.37
C LEU A 271 -2.72 5.66 -8.27
N TYR A 272 -3.99 5.88 -8.53
CA TYR A 272 -4.82 6.46 -7.52
C TYR A 272 -5.44 5.30 -6.76
N ILE A 273 -5.12 5.19 -5.46
CA ILE A 273 -5.76 4.23 -4.54
C ILE A 273 -6.75 4.99 -3.66
N PRO A 274 -8.03 4.82 -3.94
CA PRO A 274 -9.01 5.62 -3.20
C PRO A 274 -9.12 5.13 -1.76
N MET A 275 -9.52 6.02 -0.85
CA MET A 275 -9.54 5.69 0.57
C MET A 275 -10.45 4.50 0.84
N TYR A 276 -9.97 3.57 1.66
CA TYR A 276 -10.69 2.37 2.15
C TYR A 276 -10.62 1.22 1.15
N TRP A 277 -9.87 1.37 0.05
CA TRP A 277 -9.74 0.34 -0.97
C TRP A 277 -8.66 -0.56 -0.51
N TRP A 278 -8.93 -1.84 -0.52
CA TRP A 278 -7.91 -2.78 -0.19
C TRP A 278 -6.83 -2.74 -1.25
N HIS A 279 -5.58 -2.83 -0.84
CA HIS A 279 -4.58 -3.02 -1.84
C HIS A 279 -3.54 -4.06 -1.40
N HIS A 280 -3.10 -4.84 -2.36
CA HIS A 280 -2.03 -5.83 -2.24
C HIS A 280 -0.95 -5.44 -3.26
N ILE A 281 0.30 -5.30 -2.81
CA ILE A 281 1.38 -4.73 -3.63
C ILE A 281 2.64 -5.58 -3.67
N GLU A 282 3.08 -5.96 -4.86
CA GLU A 282 4.19 -6.87 -4.98
C GLU A 282 5.13 -6.42 -6.11
N SER A 283 6.42 -6.57 -5.84
CA SER A 283 7.49 -6.30 -6.79
C SER A 283 7.60 -7.53 -7.68
N LEU A 284 7.63 -7.43 -9.02
CA LEU A 284 7.75 -8.64 -9.88
C LEU A 284 8.88 -9.58 -9.43
N LEU A 285 8.74 -10.86 -9.76
CA LEU A 285 9.79 -11.85 -9.53
C LEU A 285 10.90 -11.53 -10.49
N ASN A 286 12.07 -11.25 -9.97
CA ASN A 286 13.21 -10.93 -10.85
C ASN A 286 13.13 -9.72 -11.79
N GLY A 287 12.70 -8.56 -11.32
CA GLY A 287 12.98 -7.33 -12.09
C GLY A 287 14.06 -6.43 -11.53
N GLY A 288 14.70 -6.82 -10.43
CA GLY A 288 15.59 -5.88 -9.72
C GLY A 288 14.82 -5.05 -8.70
N ILE A 289 15.39 -3.92 -8.30
CA ILE A 289 14.81 -3.15 -7.23
C ILE A 289 13.74 -2.15 -7.69
N THR A 290 12.80 -1.85 -6.79
CA THR A 290 11.74 -0.90 -7.04
C THR A 290 11.87 0.30 -6.12
N ILE A 291 11.58 1.48 -6.64
CA ILE A 291 11.43 2.68 -5.87
C ILE A 291 10.05 3.24 -6.15
N THR A 292 9.36 3.73 -5.11
CA THR A 292 8.02 4.27 -5.20
C THR A 292 7.89 5.44 -4.23
N VAL A 293 7.11 6.46 -4.53
CA VAL A 293 6.78 7.48 -3.54
C VAL A 293 5.27 7.55 -3.48
N ASN A 294 4.68 7.51 -2.25
CA ASN A 294 3.24 7.66 -2.09
C ASN A 294 2.95 9.03 -1.50
N PHE A 295 1.82 9.61 -1.87
CA PHE A 295 1.37 10.88 -1.32
C PHE A 295 0.02 10.64 -0.69
N TRP A 296 -0.22 11.10 0.53
CA TRP A 296 -1.50 10.77 1.22
C TRP A 296 -2.21 12.04 1.57
N TYR A 297 -3.51 12.09 1.34
CA TYR A 297 -4.35 13.20 1.73
C TYR A 297 -5.50 12.70 2.57
N LYS A 298 -5.88 13.49 3.58
CA LYS A 298 -7.17 13.28 4.23
C LYS A 298 -8.26 13.55 3.21
N GLY A 299 -9.34 12.77 3.27
CA GLY A 299 -10.47 12.98 2.38
C GLY A 299 -11.28 14.20 2.74
N ALA A 300 -12.24 14.54 1.88
CA ALA A 300 -13.21 15.59 2.16
C ALA A 300 -13.99 15.08 3.35
N PRO A 301 -14.41 15.98 4.26
CA PRO A 301 -15.22 15.51 5.40
C PRO A 301 -16.66 15.26 5.01
N THR A 302 -17.38 14.50 5.83
CA THR A 302 -18.77 14.09 5.51
C THR A 302 -19.80 15.22 5.59
N PRO A 303 -20.68 15.34 4.57
CA PRO A 303 -21.71 16.40 4.64
C PRO A 303 -22.71 16.21 5.78
N GLU A 307 -28.80 12.15 4.45
CA GLU A 307 -27.50 12.08 3.84
C GLU A 307 -27.27 10.76 3.14
N TYR A 308 -28.35 10.12 2.71
CA TYR A 308 -28.34 8.67 2.40
C TYR A 308 -28.21 8.35 0.92
N PRO A 309 -28.53 7.09 0.54
CA PRO A 309 -28.30 5.90 1.40
C PRO A 309 -26.87 5.38 1.18
N LEU A 310 -26.34 4.73 2.22
CA LEU A 310 -24.90 4.84 2.68
C LEU A 310 -23.85 4.12 1.84
N LYS A 311 -22.71 4.74 1.59
CA LYS A 311 -21.63 4.04 0.85
C LYS A 311 -20.91 2.98 1.70
N ALA A 312 -20.26 2.04 1.03
CA ALA A 312 -19.59 0.95 1.71
C ALA A 312 -18.54 1.52 2.65
N HIS A 313 -17.78 2.54 2.22
CA HIS A 313 -16.74 3.05 3.08
C HIS A 313 -17.34 3.62 4.34
N GLN A 314 -18.54 4.14 4.28
CA GLN A 314 -19.13 4.74 5.47
C GLN A 314 -19.57 3.70 6.46
N LYS A 315 -20.05 2.56 5.95
CA LYS A 315 -20.43 1.45 6.81
C LYS A 315 -19.15 0.81 7.40
N VAL A 316 -18.01 0.94 6.73
CA VAL A 316 -16.79 0.38 7.30
C VAL A 316 -16.39 1.20 8.53
N ALA A 317 -16.40 2.51 8.41
CA ALA A 317 -16.13 3.43 9.52
C ALA A 317 -17.06 3.23 10.69
N ILE A 318 -18.31 2.94 10.43
CA ILE A 318 -19.21 2.69 11.54
C ILE A 318 -18.78 1.39 12.28
N MET A 319 -18.29 0.38 11.55
CA MET A 319 -17.85 -0.87 12.19
C MET A 319 -16.64 -0.59 13.10
N ARG A 320 -15.68 0.14 12.57
CA ARG A 320 -14.48 0.54 13.31
C ARG A 320 -14.88 1.26 14.58
N ASN A 321 -15.79 2.22 14.47
CA ASN A 321 -16.21 3.00 15.61
C ASN A 321 -16.92 2.18 16.69
N ILE A 322 -17.77 1.23 16.28
CA ILE A 322 -18.47 0.40 17.27
C ILE A 322 -17.37 -0.39 18.01
N GLU A 323 -16.45 -1.01 17.28
CA GLU A 323 -15.40 -1.76 17.93
C GLU A 323 -14.55 -0.88 18.84
N LYS A 324 -14.27 0.37 18.49
CA LYS A 324 -13.50 1.27 19.37
C LYS A 324 -14.31 1.67 20.61
N MET A 325 -15.57 2.06 20.46
CA MET A 325 -16.38 2.44 21.64
C MET A 325 -16.50 1.31 22.61
N LEU A 326 -16.77 0.17 22.07
CA LEU A 326 -17.04 -0.98 22.90
C LEU A 326 -15.76 -1.38 23.66
N GLY A 327 -14.61 -1.21 23.04
CA GLY A 327 -13.34 -1.40 23.76
C GLY A 327 -13.27 -0.52 25.00
N GLU A 328 -13.60 0.75 24.83
CA GLU A 328 -13.66 1.69 25.94
C GLU A 328 -14.75 1.41 26.94
N ALA A 329 -15.98 1.35 26.48
CA ALA A 329 -17.05 1.20 27.43
C ALA A 329 -16.78 -0.03 28.30
N LEU A 330 -16.23 -1.09 27.72
CA LEU A 330 -16.02 -2.34 28.46
C LEU A 330 -14.77 -2.31 29.34
N GLY A 331 -13.86 -1.39 29.09
CA GLY A 331 -12.64 -1.31 29.87
C GLY A 331 -11.55 -2.27 29.41
N ASN A 332 -11.85 -3.14 28.46
CA ASN A 332 -10.86 -4.07 28.01
C ASN A 332 -11.25 -4.66 26.65
N PRO A 333 -10.33 -4.48 25.65
CA PRO A 333 -10.41 -4.94 24.28
C PRO A 333 -10.72 -6.41 24.14
N GLN A 334 -10.33 -7.23 25.10
CA GLN A 334 -10.64 -8.66 24.99
C GLN A 334 -12.10 -8.97 25.14
N GLU A 335 -12.84 -8.12 25.81
CA GLU A 335 -14.27 -8.40 25.99
C GLU A 335 -15.11 -8.02 24.80
N VAL A 336 -14.49 -7.34 23.82
CA VAL A 336 -15.23 -6.89 22.67
C VAL A 336 -15.89 -8.06 21.95
N GLY A 337 -15.12 -9.06 21.63
CA GLY A 337 -15.67 -10.22 20.95
C GLY A 337 -16.80 -10.96 21.67
N PRO A 338 -16.54 -11.34 22.90
CA PRO A 338 -17.67 -12.02 23.61
C PRO A 338 -18.93 -11.15 23.69
N LEU A 339 -18.78 -9.86 23.76
CA LEU A 339 -20.05 -9.09 23.79
C LEU A 339 -20.78 -9.15 22.45
N LEU A 340 -20.02 -9.06 21.34
CA LEU A 340 -20.65 -8.98 20.03
C LEU A 340 -21.35 -10.26 19.72
N ASN A 341 -20.72 -11.38 20.04
CA ASN A 341 -21.37 -12.69 19.89
C ASN A 341 -22.64 -12.86 20.66
N THR A 342 -22.60 -12.45 21.91
CA THR A 342 -23.77 -12.52 22.83
C THR A 342 -24.92 -11.69 22.26
N MET A 343 -24.55 -10.53 21.77
CA MET A 343 -25.45 -9.64 21.12
C MET A 343 -26.01 -10.19 19.79
CA ILE A 344 -25.58 -11.41 18.19
CA ILE A 344 -26.23 -11.86 18.18
N LYS A 345 -26.26 -13.81 18.33
CA LYS A 345 -26.51 -15.27 18.51
C LYS A 345 -27.88 -15.56 18.87
N GLY A 346 -28.54 -16.27 17.96
CA GLY A 346 -29.97 -16.50 18.08
C GLY A 346 -30.91 -15.30 18.14
N ARG A 347 -30.42 -14.15 17.76
CA ARG A 347 -31.07 -12.86 17.79
C ARG A 347 -30.99 -12.15 16.41
N TYR A 348 -29.84 -12.10 15.81
CA TYR A 348 -29.70 -11.49 14.49
C TYR A 348 -29.07 -12.46 13.51
N ASN A 349 -28.82 -13.67 13.96
CA ASN A 349 -28.30 -14.70 13.04
C ASN A 349 -29.22 -15.93 13.02
FE FE2 B . -0.80 1.00 1.68
C3 069 C . 4.52 -1.42 -1.09
O3 069 C . 4.98 -2.66 -0.80
C2 069 C . 3.39 -0.99 -0.40
C1 069 C . 2.82 0.25 -0.67
C 069 C . 1.52 0.66 0.09
O 069 C . 1.01 -0.08 0.96
N 069 C . 0.97 1.80 -0.35
C6 069 C . 3.46 1.05 -1.64
C5 069 C . 4.61 0.62 -2.32
C4 069 C . 5.14 -0.65 -2.05
O2 069 C . -0.22 2.28 0.16
C3 069 D . 1.93 3.67 6.38
O3 069 D . 3.23 3.99 6.39
C2 069 D . 1.44 3.05 5.23
C1 069 D . 0.11 2.71 5.19
C 069 D . -0.40 2.06 3.93
O 069 D . 0.28 1.21 3.34
N 069 D . -1.58 2.56 3.58
C6 069 D . -0.70 3.01 6.28
C5 069 D . -0.22 3.63 7.44
C4 069 D . 1.11 3.97 7.48
O2 069 D . -2.30 2.25 2.47
S SO4 E . -6.99 3.60 15.17
O1 SO4 E . -7.94 4.04 14.09
O2 SO4 E . -5.58 3.56 14.74
O3 SO4 E . -7.15 4.56 16.28
O4 SO4 E . -7.41 2.27 15.65
#